data_4Q04
#
_entry.id   4Q04
#
_cell.length_a   69.420
_cell.length_b   69.420
_cell.length_c   187.360
_cell.angle_alpha   90.000
_cell.angle_beta   90.000
_cell.angle_gamma   90.000
#
_symmetry.space_group_name_H-M   'P 43 21 2'
#
loop_
_entity.id
_entity.type
_entity.pdbx_description
1 polymer 'URE3-BP sequence specific DNA binding protein'
2 non-polymer 'SODIUM ION'
3 non-polymer 'MAGNESIUM ION'
4 non-polymer 'SULFATE ION'
5 non-polymer GLYCEROL
6 water water
#
_entity_poly.entity_id   1
_entity_poly.type   'polypeptide(L)'
_entity_poly.pdbx_seq_one_letter_code
;MQPPVANFCLWNLQPIQGSWMGAACIYQMPPSVRNTWWFPLLNTIPLDQYTRIYQWFMGVDRDRSGTLEINELMMGQFPG
GIRLSPQTALRMMRIFDTDFNGHISFYEFMAMYKFMELAYNLFVMNDRNRSGTLEPHEILPALQQLGFYINQRTSLLLHR
LFARGMAFCDLNCWIAICAFAAQTRSAYQMIFMNPYYGPMKPFNPMEFGKFLDVVTSLLE
;
_entity_poly.pdbx_strand_id   A,B
#
loop_
_chem_comp.id
_chem_comp.type
_chem_comp.name
_chem_comp.formula
GOL non-polymer GLYCEROL 'C3 H8 O3'
MG non-polymer 'MAGNESIUM ION' 'Mg 2'
NA non-polymer 'SODIUM ION' 'Na 1'
SO4 non-polymer 'SULFATE ION' 'O4 S -2'
#
# COMPACT_ATOMS: atom_id res chain seq x y z
N CYS A 9 16.19 13.77 -13.19
CA CYS A 9 14.74 13.54 -12.82
C CYS A 9 14.57 13.85 -11.36
N LEU A 10 13.49 13.43 -10.75
CA LEU A 10 13.31 13.71 -9.32
C LEU A 10 14.51 13.29 -8.49
N TRP A 11 15.19 12.20 -8.86
CA TRP A 11 16.32 11.70 -8.05
C TRP A 11 17.66 12.27 -8.52
N ASN A 12 17.66 13.06 -9.59
CA ASN A 12 18.86 13.65 -10.08
C ASN A 12 18.64 15.07 -10.56
N LEU A 13 18.42 15.97 -9.60
CA LEU A 13 18.07 17.35 -9.90
C LEU A 13 19.29 18.23 -10.04
N GLN A 14 19.45 18.88 -11.19
CA GLN A 14 20.58 19.81 -11.43
C GLN A 14 20.53 21.05 -10.50
N PRO A 15 21.65 21.35 -9.81
CA PRO A 15 21.69 22.62 -9.11
C PRO A 15 21.50 23.75 -10.13
N ILE A 16 20.90 24.85 -9.68
CA ILE A 16 20.70 26.03 -10.53
C ILE A 16 21.59 27.14 -10.02
N GLN A 17 22.11 27.97 -10.94
CA GLN A 17 22.81 29.21 -10.57
C GLN A 17 21.74 30.12 -9.96
N GLY A 18 22.10 30.90 -8.97
CA GLY A 18 21.14 31.76 -8.35
C GLY A 18 20.21 31.07 -7.38
N SER A 19 20.64 29.91 -6.90
CA SER A 19 20.00 29.23 -5.78
C SER A 19 19.90 30.19 -4.62
N TRP A 20 18.87 29.98 -3.78
CA TRP A 20 18.67 30.82 -2.58
C TRP A 20 19.72 30.63 -1.48
N MET A 21 20.46 29.53 -1.53
CA MET A 21 21.56 29.32 -0.60
C MET A 21 22.91 29.22 -1.28
N GLY A 22 23.91 29.74 -0.57
CA GLY A 22 25.30 29.60 -0.99
C GLY A 22 25.77 28.22 -0.52
N ALA A 23 26.98 27.86 -0.93
CA ALA A 23 27.53 26.52 -0.74
C ALA A 23 27.60 26.16 0.75
N ALA A 24 28.03 27.10 1.61
CA ALA A 24 28.11 26.85 3.07
C ALA A 24 26.71 26.67 3.74
N CYS A 25 25.65 27.20 3.12
CA CYS A 25 24.32 27.12 3.71
C CYS A 25 23.77 25.71 3.72
N ILE A 26 24.27 24.88 2.81
CA ILE A 26 23.82 23.50 2.65
C ILE A 26 24.27 22.63 3.84
N TYR A 27 25.48 22.86 4.34
CA TYR A 27 25.97 22.06 5.47
C TYR A 27 25.46 22.58 6.82
N GLN A 28 24.77 23.72 6.83
CA GLN A 28 24.13 24.20 8.03
C GLN A 28 22.67 23.82 8.10
N MET A 29 22.17 23.11 7.10
CA MET A 29 20.78 22.67 7.14
C MET A 29 20.69 21.60 8.24
N PRO A 30 19.56 21.54 8.90
CA PRO A 30 19.40 20.53 9.94
C PRO A 30 19.61 19.08 9.42
N PRO A 31 20.22 18.21 10.23
CA PRO A 31 20.46 16.81 9.79
C PRO A 31 19.16 16.06 9.38
N SER A 32 18.06 16.40 10.02
CA SER A 32 16.79 15.76 9.65
C SER A 32 16.28 16.33 8.33
N VAL A 33 16.88 17.39 7.82
CA VAL A 33 16.58 17.86 6.48
C VAL A 33 17.61 17.38 5.47
N ARG A 34 18.87 17.53 5.80
CA ARG A 34 19.99 17.12 4.94
C ARG A 34 19.94 15.66 4.52
N ASN A 35 19.60 14.76 5.43
CA ASN A 35 19.61 13.34 5.12
C ASN A 35 18.25 12.79 4.76
N THR A 36 17.54 13.49 3.89
CA THR A 36 16.27 12.97 3.34
C THR A 36 16.45 12.79 1.82
N TRP A 37 15.53 12.05 1.18
CA TRP A 37 15.60 11.85 -0.27
C TRP A 37 15.27 13.10 -1.06
N TRP A 38 14.47 13.98 -0.45
CA TRP A 38 13.99 15.17 -1.13
C TRP A 38 14.88 16.38 -0.97
N PHE A 39 15.87 16.31 -0.08
CA PHE A 39 16.80 17.42 0.14
C PHE A 39 17.25 18.17 -1.14
N PRO A 40 17.62 17.43 -2.21
CA PRO A 40 18.18 18.13 -3.40
C PRO A 40 17.19 19.10 -4.05
N LEU A 41 15.88 19.02 -3.76
CA LEU A 41 14.94 20.01 -4.28
C LEU A 41 15.23 21.44 -3.81
N LEU A 42 15.71 21.55 -2.59
CA LEU A 42 15.92 22.84 -1.98
C LEU A 42 16.94 23.70 -2.77
N ASN A 43 17.94 23.06 -3.35
CA ASN A 43 19.02 23.82 -4.00
C ASN A 43 18.66 24.19 -5.44
N THR A 44 17.45 23.81 -5.86
CA THR A 44 16.89 24.22 -7.14
C THR A 44 15.98 25.46 -7.08
N ILE A 45 15.82 26.06 -5.90
CA ILE A 45 14.92 27.20 -5.67
C ILE A 45 15.69 28.51 -5.82
N PRO A 46 15.31 29.35 -6.81
CA PRO A 46 16.02 30.59 -6.93
C PRO A 46 15.70 31.55 -5.77
N LEU A 47 16.63 32.47 -5.53
CA LEU A 47 16.48 33.52 -4.52
C LEU A 47 15.09 34.19 -4.48
N ASP A 48 14.54 34.57 -5.63
CA ASP A 48 13.28 35.35 -5.65
C ASP A 48 12.09 34.46 -5.26
N GLN A 49 12.21 33.19 -5.58
CA GLN A 49 11.22 32.19 -5.20
C GLN A 49 11.28 31.91 -3.71
N TYR A 50 12.49 31.82 -3.17
CA TYR A 50 12.61 31.69 -1.71
C TYR A 50 11.90 32.82 -0.96
N THR A 51 12.18 34.07 -1.33
CA THR A 51 11.63 35.16 -0.54
C THR A 51 10.10 35.14 -0.64
N ARG A 52 9.57 34.82 -1.81
CA ARG A 52 8.13 34.58 -1.98
C ARG A 52 7.48 33.52 -1.12
N ILE A 53 8.13 32.38 -1.00
CA ILE A 53 7.61 31.26 -0.18
C ILE A 53 7.72 31.66 1.30
N TYR A 54 8.89 32.22 1.64
CA TYR A 54 9.16 32.71 2.98
C TYR A 54 8.08 33.70 3.41
N GLN A 55 7.85 34.72 2.61
CA GLN A 55 6.87 35.74 2.94
C GLN A 55 5.50 35.09 3.18
N TRP A 56 5.10 34.14 2.33
CA TRP A 56 3.77 33.53 2.41
C TRP A 56 3.64 32.68 3.67
N PHE A 57 4.63 31.81 3.86
CA PHE A 57 4.73 30.97 5.04
C PHE A 57 4.59 31.81 6.32
N MET A 58 5.44 32.83 6.48
CA MET A 58 5.30 33.75 7.65
C MET A 58 3.89 34.36 7.80
N GLY A 59 3.24 34.62 6.68
CA GLY A 59 1.89 35.17 6.70
C GLY A 59 0.83 34.25 7.21
N VAL A 60 0.79 33.00 6.73
CA VAL A 60 -0.19 32.02 7.20
C VAL A 60 0.14 31.43 8.57
N ASP A 61 1.40 31.47 8.98
CA ASP A 61 1.75 30.87 10.26
C ASP A 61 1.36 31.88 11.32
N ARG A 62 0.04 31.93 11.58
CA ARG A 62 -0.63 32.93 12.41
C ARG A 62 -0.09 32.98 13.85
N ASP A 63 0.08 31.81 14.48
CA ASP A 63 0.68 31.75 15.80
C ASP A 63 2.24 31.71 15.85
N ARG A 64 2.91 31.98 14.73
CA ARG A 64 4.37 32.03 14.69
C ARG A 64 5.02 30.76 15.29
N SER A 65 4.48 29.58 14.98
CA SER A 65 5.06 28.31 15.48
C SER A 65 6.24 27.85 14.70
N GLY A 66 6.43 28.39 13.51
CA GLY A 66 7.51 27.93 12.66
C GLY A 66 7.17 26.61 11.98
N THR A 67 5.88 26.31 11.91
CA THR A 67 5.36 25.07 11.29
C THR A 67 4.10 25.41 10.48
N LEU A 68 3.69 24.46 9.66
CA LEU A 68 2.51 24.63 8.85
C LEU A 68 1.57 23.44 9.08
N GLU A 69 0.28 23.73 9.30
CA GLU A 69 -0.75 22.69 9.49
C GLU A 69 -1.61 22.56 8.25
N ILE A 70 -2.42 21.52 8.19
CA ILE A 70 -3.02 21.13 6.92
C ILE A 70 -3.94 22.22 6.43
N ASN A 71 -4.69 22.85 7.32
CA ASN A 71 -5.59 23.90 6.87
C ASN A 71 -4.87 25.10 6.31
N GLU A 72 -3.69 25.37 6.81
CA GLU A 72 -2.93 26.51 6.29
C GLU A 72 -2.29 26.12 4.96
N LEU A 73 -1.87 24.87 4.85
CA LEU A 73 -1.32 24.36 3.56
C LEU A 73 -2.36 24.54 2.45
N MET A 74 -3.60 24.22 2.77
CA MET A 74 -4.67 24.24 1.78
C MET A 74 -5.04 25.65 1.32
N MET A 75 -4.59 26.69 2.07
CA MET A 75 -4.76 28.09 1.66
CA MET A 75 -4.79 28.07 1.63
C MET A 75 -3.74 28.49 0.58
N GLY A 76 -2.80 27.60 0.27
CA GLY A 76 -1.77 27.87 -0.73
C GLY A 76 -2.27 28.04 -2.15
N GLN A 77 -1.70 29.00 -2.86
CA GLN A 77 -1.89 29.11 -4.28
C GLN A 77 -0.67 28.51 -4.94
N PHE A 78 -0.88 27.38 -5.60
CA PHE A 78 0.21 26.55 -6.05
C PHE A 78 0.40 26.66 -7.56
N PRO A 79 1.51 26.09 -8.09
CA PRO A 79 1.82 26.31 -9.50
C PRO A 79 0.69 25.87 -10.46
N GLY A 80 0.42 26.65 -11.50
CA GLY A 80 -0.57 26.26 -12.51
C GLY A 80 -2.02 26.22 -12.05
N GLY A 81 -2.29 26.82 -10.90
CA GLY A 81 -3.65 26.79 -10.33
C GLY A 81 -4.02 25.55 -9.53
N ILE A 82 -3.03 24.75 -9.19
CA ILE A 82 -3.24 23.54 -8.41
C ILE A 82 -3.98 23.90 -7.12
N ARG A 83 -4.97 23.10 -6.77
CA ARG A 83 -5.63 23.16 -5.49
C ARG A 83 -5.69 21.77 -4.90
N LEU A 84 -5.30 21.66 -3.63
CA LEU A 84 -5.14 20.37 -2.97
C LEU A 84 -6.47 20.06 -2.29
N SER A 85 -7.05 18.90 -2.56
CA SER A 85 -8.20 18.44 -1.77
C SER A 85 -7.70 18.10 -0.40
N PRO A 86 -8.60 17.98 0.60
CA PRO A 86 -8.14 17.47 1.90
C PRO A 86 -7.35 16.16 1.83
N GLN A 87 -7.78 15.26 0.95
CA GLN A 87 -7.11 13.95 0.82
C GLN A 87 -5.73 14.10 0.20
N THR A 88 -5.60 14.92 -0.85
CA THR A 88 -4.29 15.14 -1.48
C THR A 88 -3.40 15.98 -0.56
N ALA A 89 -3.99 16.96 0.16
CA ALA A 89 -3.21 17.73 1.13
C ALA A 89 -2.63 16.82 2.19
N LEU A 90 -3.41 15.83 2.67
CA LEU A 90 -2.90 14.87 3.66
C LEU A 90 -1.71 14.05 3.17
N ARG A 91 -1.79 13.56 1.92
CA ARG A 91 -0.72 12.80 1.34
C ARG A 91 0.51 13.65 1.23
N MET A 92 0.32 14.91 0.87
CA MET A 92 1.44 15.78 0.71
C MET A 92 2.14 15.97 2.06
N MET A 93 1.37 16.25 3.11
CA MET A 93 1.95 16.36 4.45
C MET A 93 2.78 15.11 4.82
N ARG A 94 2.24 13.93 4.50
CA ARG A 94 2.86 12.66 4.84
C ARG A 94 4.15 12.30 4.08
N ILE A 95 4.45 13.02 3.01
CA ILE A 95 5.76 12.88 2.40
C ILE A 95 6.84 13.23 3.43
N PHE A 96 6.51 14.23 4.28
CA PHE A 96 7.44 14.87 5.19
C PHE A 96 7.16 14.52 6.63
N ASP A 97 5.91 14.67 7.03
CA ASP A 97 5.48 14.31 8.36
C ASP A 97 5.17 12.81 8.37
N THR A 98 6.12 11.98 8.80
CA THR A 98 5.98 10.50 8.74
C THR A 98 5.76 9.85 10.12
N ASP A 99 5.50 10.66 11.14
CA ASP A 99 5.21 10.13 12.48
C ASP A 99 3.99 10.84 13.06
N PHE A 100 3.11 11.33 12.18
CA PHE A 100 1.79 11.82 12.57
C PHE A 100 1.84 12.99 13.55
N ASN A 101 2.76 13.92 13.33
CA ASN A 101 2.80 15.17 14.13
C ASN A 101 1.65 16.11 13.84
N GLY A 102 1.19 16.09 12.62
CA GLY A 102 0.13 17.00 12.18
C GLY A 102 0.70 18.31 11.64
N HIS A 103 1.99 18.38 11.40
CA HIS A 103 2.53 19.62 10.80
C HIS A 103 3.85 19.42 10.13
N ILE A 104 4.27 20.39 9.31
CA ILE A 104 5.52 20.31 8.60
C ILE A 104 6.34 21.58 8.85
N SER A 105 7.63 21.49 8.60
CA SER A 105 8.54 22.58 8.83
C SER A 105 8.61 23.50 7.59
N PHE A 106 9.25 24.64 7.77
CA PHE A 106 9.39 25.59 6.67
C PHE A 106 10.10 24.92 5.50
N TYR A 107 11.19 24.24 5.80
CA TYR A 107 12.02 23.64 4.75
C TYR A 107 11.26 22.52 4.05
N GLU A 108 10.47 21.76 4.84
CA GLU A 108 9.62 20.72 4.27
C GLU A 108 8.59 21.31 3.33
N PHE A 109 8.03 22.47 3.69
CA PHE A 109 7.18 23.16 2.77
C PHE A 109 7.87 23.61 1.45
N MET A 110 9.07 24.17 1.58
CA MET A 110 9.80 24.66 0.43
C MET A 110 9.93 23.53 -0.57
N ALA A 111 10.28 22.36 -0.06
CA ALA A 111 10.51 21.15 -0.87
C ALA A 111 9.21 20.73 -1.52
N MET A 112 8.12 20.70 -0.77
CA MET A 112 6.80 20.35 -1.30
C MET A 112 6.38 21.27 -2.43
N TYR A 113 6.68 22.56 -2.26
CA TYR A 113 6.32 23.53 -3.24
C TYR A 113 7.08 23.27 -4.54
N LYS A 114 8.39 23.11 -4.43
CA LYS A 114 9.21 22.88 -5.58
C LYS A 114 8.89 21.57 -6.24
N PHE A 115 8.57 20.54 -5.45
CA PHE A 115 8.06 19.27 -6.02
C PHE A 115 6.83 19.49 -6.91
N MET A 116 5.90 20.30 -6.40
CA MET A 116 4.69 20.64 -7.14
C MET A 116 4.93 21.32 -8.49
N GLU A 117 5.86 22.28 -8.49
CA GLU A 117 6.24 23.00 -9.66
C GLU A 117 6.94 22.08 -10.66
N LEU A 118 7.82 21.18 -10.17
CA LEU A 118 8.38 20.18 -11.03
C LEU A 118 7.35 19.27 -11.71
N ALA A 119 6.37 18.79 -10.95
CA ALA A 119 5.29 18.00 -11.51
C ALA A 119 4.43 18.79 -12.54
N TYR A 120 4.18 20.07 -12.22
CA TYR A 120 3.44 20.96 -13.06
C TYR A 120 4.17 21.10 -14.40
N ASN A 121 5.48 21.42 -14.35
CA ASN A 121 6.21 21.63 -15.59
C ASN A 121 6.22 20.38 -16.41
N LEU A 122 6.36 19.24 -15.76
CA LEU A 122 6.28 17.99 -16.46
C LEU A 122 4.90 17.67 -17.08
N PHE A 123 3.81 18.02 -16.37
CA PHE A 123 2.48 17.91 -16.92
C PHE A 123 2.38 18.72 -18.21
N VAL A 124 2.81 19.99 -18.15
CA VAL A 124 2.76 20.87 -19.33
C VAL A 124 3.53 20.28 -20.50
N MET A 125 4.75 19.84 -20.23
CA MET A 125 5.58 19.18 -21.24
C MET A 125 4.87 18.04 -21.92
N ASN A 126 4.19 17.19 -21.16
CA ASN A 126 3.44 16.08 -21.74
C ASN A 126 2.03 16.33 -22.32
N ASP A 127 1.42 17.46 -21.96
CA ASP A 127 0.11 17.88 -22.53
C ASP A 127 0.34 18.45 -23.91
N ARG A 128 0.62 17.55 -24.85
CA ARG A 128 1.10 17.94 -26.16
C ARG A 128 0.05 18.77 -26.91
N ASN A 129 -1.24 18.43 -26.79
CA ASN A 129 -2.26 19.22 -27.47
C ASN A 129 -2.90 20.38 -26.68
N ARG A 130 -2.20 20.81 -25.62
CA ARG A 130 -2.60 21.85 -24.70
C ARG A 130 -4.10 21.78 -24.33
N SER A 131 -4.55 20.58 -23.96
CA SER A 131 -5.93 20.40 -23.56
C SER A 131 -6.12 20.61 -22.06
N GLY A 132 -5.00 20.79 -21.34
CA GLY A 132 -5.02 20.80 -19.89
C GLY A 132 -5.38 19.45 -19.25
N THR A 133 -5.24 18.36 -20.00
CA THR A 133 -5.56 17.04 -19.47
C THR A 133 -4.62 16.05 -20.14
N LEU A 134 -4.34 14.94 -19.48
CA LEU A 134 -3.63 13.81 -20.10
C LEU A 134 -4.61 12.68 -20.23
N GLU A 135 -4.50 11.97 -21.33
CA GLU A 135 -5.22 10.73 -21.55
C GLU A 135 -4.62 9.67 -20.64
N PRO A 136 -5.43 8.69 -20.24
CA PRO A 136 -4.91 7.63 -19.37
C PRO A 136 -3.58 7.00 -19.85
N HIS A 137 -3.44 6.73 -21.14
CA HIS A 137 -2.21 6.10 -21.69
C HIS A 137 -0.98 7.02 -21.66
N GLU A 138 -1.17 8.31 -21.40
CA GLU A 138 -0.09 9.28 -21.39
C GLU A 138 0.54 9.41 -20.02
N ILE A 139 -0.14 8.84 -19.03
CA ILE A 139 0.30 8.99 -17.65
C ILE A 139 1.62 8.25 -17.41
N LEU A 140 1.74 7.03 -17.91
CA LEU A 140 2.93 6.23 -17.68
C LEU A 140 4.23 6.93 -18.14
N PRO A 141 4.29 7.44 -19.37
CA PRO A 141 5.60 8.00 -19.77
C PRO A 141 6.00 9.26 -18.98
N ALA A 142 5.02 10.04 -18.58
CA ALA A 142 5.23 11.26 -17.79
C ALA A 142 5.72 10.91 -16.39
N LEU A 143 5.17 9.84 -15.79
CA LEU A 143 5.67 9.33 -14.49
C LEU A 143 7.10 8.79 -14.61
N GLN A 144 7.40 8.06 -15.68
CA GLN A 144 8.79 7.64 -15.92
C GLN A 144 9.77 8.78 -16.00
N GLN A 145 9.42 9.85 -16.71
CA GLN A 145 10.27 11.03 -16.77
C GLN A 145 10.55 11.68 -15.44
N LEU A 146 9.56 11.67 -14.55
CA LEU A 146 9.72 12.16 -13.16
C LEU A 146 10.66 11.29 -12.31
N GLY A 147 10.74 10.02 -12.68
CA GLY A 147 11.62 9.06 -12.00
C GLY A 147 10.85 7.89 -11.43
N PHE A 148 9.58 7.76 -11.77
CA PHE A 148 8.76 6.68 -11.15
C PHE A 148 8.54 5.60 -12.19
N TYR A 149 9.34 4.55 -12.07
CA TYR A 149 9.38 3.49 -13.08
C TYR A 149 8.36 2.39 -12.82
N ILE A 150 7.11 2.72 -13.13
CA ILE A 150 6.00 1.86 -12.86
C ILE A 150 5.52 1.12 -14.13
N ASN A 151 4.55 0.22 -14.00
CA ASN A 151 4.01 -0.49 -15.18
C ASN A 151 2.64 0.10 -15.59
N GLN A 152 2.07 -0.32 -16.74
CA GLN A 152 0.86 0.32 -17.26
C GLN A 152 -0.30 0.12 -16.32
N ARG A 153 -0.45 -1.10 -15.84
CA ARG A 153 -1.54 -1.45 -14.90
C ARG A 153 -1.55 -0.52 -13.68
N THR A 154 -0.36 -0.21 -13.14
CA THR A 154 -0.24 0.74 -12.06
C THR A 154 -0.68 2.16 -12.48
N SER A 155 -0.25 2.62 -13.62
CA SER A 155 -0.63 3.97 -14.06
C SER A 155 -2.17 4.15 -14.16
N LEU A 156 -2.82 3.16 -14.75
CA LEU A 156 -4.27 3.23 -14.98
C LEU A 156 -5.06 3.18 -13.66
N LEU A 157 -4.58 2.36 -12.73
CA LEU A 157 -5.17 2.34 -11.39
C LEU A 157 -5.05 3.70 -10.68
N LEU A 158 -3.90 4.35 -10.82
CA LEU A 158 -3.66 5.58 -10.09
C LEU A 158 -4.64 6.62 -10.63
N HIS A 159 -4.79 6.60 -11.92
CA HIS A 159 -5.79 7.49 -12.54
C HIS A 159 -7.17 7.24 -11.96
N ARG A 160 -7.60 5.99 -11.99
CA ARG A 160 -8.94 5.66 -11.56
C ARG A 160 -9.13 5.91 -10.08
N LEU A 161 -8.09 5.69 -9.29
CA LEU A 161 -8.16 5.99 -7.88
C LEU A 161 -8.40 7.48 -7.61
N PHE A 162 -7.77 8.37 -8.41
CA PHE A 162 -7.72 9.79 -8.08
C PHE A 162 -8.47 10.78 -8.99
N ALA A 163 -9.16 10.30 -10.04
CA ALA A 163 -9.75 11.15 -11.08
C ALA A 163 -11.18 11.68 -10.81
N ARG A 164 -11.77 11.35 -9.67
CA ARG A 164 -13.17 11.68 -9.38
C ARG A 164 -14.10 11.41 -10.55
N GLY A 165 -13.99 10.21 -11.11
CA GLY A 165 -14.85 9.80 -12.21
C GLY A 165 -14.50 10.35 -13.56
N MET A 166 -13.54 11.28 -13.65
CA MET A 166 -13.19 11.82 -14.96
C MET A 166 -12.39 10.80 -15.79
N ALA A 167 -12.59 10.86 -17.11
CA ALA A 167 -11.93 9.92 -18.04
C ALA A 167 -10.49 10.30 -18.32
N PHE A 168 -10.15 11.54 -17.98
CA PHE A 168 -8.86 12.13 -18.23
C PHE A 168 -8.22 12.52 -16.92
N CYS A 169 -6.97 12.88 -17.00
CA CYS A 169 -6.17 13.29 -15.87
C CYS A 169 -5.89 14.79 -15.94
N ASP A 170 -6.55 15.63 -15.17
CA ASP A 170 -6.23 17.07 -15.21
C ASP A 170 -5.06 17.32 -14.29
N LEU A 171 -4.65 18.56 -14.11
CA LEU A 171 -3.46 18.86 -13.34
C LEU A 171 -3.68 18.46 -11.88
N ASN A 172 -4.88 18.67 -11.38
CA ASN A 172 -5.17 18.33 -10.02
C ASN A 172 -5.09 16.82 -9.81
N CYS A 173 -5.63 16.03 -10.74
CA CYS A 173 -5.45 14.57 -10.71
C CYS A 173 -3.97 14.19 -10.77
N TRP A 174 -3.22 14.83 -11.67
CA TRP A 174 -1.78 14.57 -11.80
C TRP A 174 -1.02 14.81 -10.49
N ILE A 175 -1.34 15.90 -9.82
CA ILE A 175 -0.69 16.19 -8.52
C ILE A 175 -1.09 15.16 -7.41
N ALA A 176 -2.34 14.73 -7.38
CA ALA A 176 -2.75 13.64 -6.48
C ALA A 176 -1.96 12.35 -6.72
N ILE A 177 -1.78 12.02 -7.98
CA ILE A 177 -0.93 10.91 -8.37
C ILE A 177 0.48 11.12 -7.88
N CYS A 178 1.01 12.30 -8.17
CA CYS A 178 2.38 12.56 -7.80
C CYS A 178 2.57 12.54 -6.27
N ALA A 179 1.62 13.09 -5.50
CA ALA A 179 1.64 13.08 -4.04
C ALA A 179 1.71 11.64 -3.52
N PHE A 180 0.93 10.77 -4.13
CA PHE A 180 0.88 9.38 -3.64
C PHE A 180 2.24 8.76 -3.93
N ALA A 181 2.81 9.02 -5.11
CA ALA A 181 4.08 8.37 -5.43
C ALA A 181 5.17 8.81 -4.47
N ALA A 182 5.25 10.11 -4.27
CA ALA A 182 6.19 10.68 -3.30
C ALA A 182 6.00 10.20 -1.87
N GLN A 183 4.75 10.12 -1.42
CA GLN A 183 4.39 9.60 -0.13
C GLN A 183 4.93 8.16 0.03
N THR A 184 4.76 7.36 -1.01
CA THR A 184 5.27 5.98 -1.04
C THR A 184 6.80 5.95 -0.98
N ARG A 185 7.48 6.94 -1.57
CA ARG A 185 8.94 6.99 -1.46
C ARG A 185 9.38 7.22 -0.02
N SER A 186 8.68 8.09 0.71
CA SER A 186 8.97 8.24 2.11
C SER A 186 8.66 6.95 2.90
N ALA A 187 7.58 6.29 2.52
CA ALA A 187 7.20 5.07 3.18
C ALA A 187 8.30 4.05 2.99
N TYR A 188 8.87 3.97 1.76
CA TYR A 188 9.96 3.05 1.43
C TYR A 188 11.14 3.26 2.37
N GLN A 189 11.52 4.53 2.53
CA GLN A 189 12.59 4.86 3.51
C GLN A 189 12.25 4.41 4.91
N MET A 190 11.01 4.66 5.32
CA MET A 190 10.54 4.28 6.64
CA MET A 190 10.60 4.29 6.66
C MET A 190 10.75 2.79 6.88
N ILE A 191 10.33 1.99 5.90
CA ILE A 191 10.35 0.50 6.02
C ILE A 191 11.79 -0.01 6.04
N PHE A 192 12.60 0.54 5.15
CA PHE A 192 13.89 -0.04 4.91
C PHE A 192 14.98 0.46 5.85
N MET A 193 14.69 1.54 6.60
CA MET A 193 15.66 2.02 7.63
C MET A 193 15.57 1.24 8.93
N ASN A 194 14.67 0.24 8.96
CA ASN A 194 14.51 -0.67 10.07
C ASN A 194 15.76 -1.54 10.06
N PRO A 195 16.54 -1.50 11.15
CA PRO A 195 17.77 -2.24 11.19
C PRO A 195 17.64 -3.74 10.89
N TYR A 196 16.43 -4.32 10.96
CA TYR A 196 16.24 -5.77 10.74
C TYR A 196 16.62 -6.19 9.29
N TYR A 197 16.47 -5.26 8.36
CA TYR A 197 16.73 -5.57 6.96
C TYR A 197 18.18 -5.37 6.65
N GLY A 198 18.96 -4.80 7.56
CA GLY A 198 20.40 -4.60 7.33
C GLY A 198 20.62 -3.21 6.75
N PRO A 199 21.86 -2.85 6.42
CA PRO A 199 22.11 -1.52 5.87
C PRO A 199 21.33 -1.29 4.60
N MET A 200 20.72 -0.15 4.49
CA MET A 200 19.88 0.09 3.31
C MET A 200 20.72 0.06 2.06
N LYS A 201 20.18 -0.56 1.03
CA LYS A 201 20.76 -0.59 -0.29
C LYS A 201 20.76 0.83 -0.86
N PRO A 202 21.71 1.15 -1.77
CA PRO A 202 21.58 2.48 -2.38
C PRO A 202 20.31 2.62 -3.17
N PHE A 203 19.68 3.80 -3.14
CA PHE A 203 18.43 3.92 -3.82
C PHE A 203 18.56 3.54 -5.31
N ASN A 204 17.62 2.78 -5.79
CA ASN A 204 17.57 2.43 -7.17
C ASN A 204 16.14 2.64 -7.66
N PRO A 205 15.94 3.56 -8.63
CA PRO A 205 14.60 3.85 -9.19
C PRO A 205 13.85 2.66 -9.83
N MET A 206 14.58 1.79 -10.51
CA MET A 206 14.00 0.62 -11.18
C MET A 206 13.48 -0.33 -10.11
N GLU A 207 14.25 -0.52 -9.05
CA GLU A 207 13.79 -1.39 -7.93
C GLU A 207 12.69 -0.72 -7.11
N PHE A 208 12.80 0.58 -6.87
CA PHE A 208 11.73 1.27 -6.19
C PHE A 208 10.41 1.24 -6.98
N GLY A 209 10.46 1.32 -8.32
CA GLY A 209 9.29 1.24 -9.12
C GLY A 209 8.48 -0.04 -8.92
N LYS A 210 9.20 -1.18 -8.79
CA LYS A 210 8.56 -2.43 -8.48
C LYS A 210 7.78 -2.33 -7.15
N PHE A 211 8.38 -1.67 -6.14
CA PHE A 211 7.74 -1.45 -4.84
C PHE A 211 6.45 -0.64 -4.97
N LEU A 212 6.56 0.45 -5.72
CA LEU A 212 5.43 1.31 -5.99
C LEU A 212 4.32 0.55 -6.74
N ASP A 213 4.67 -0.41 -7.61
CA ASP A 213 3.67 -1.16 -8.34
C ASP A 213 2.94 -2.04 -7.33
N VAL A 214 3.70 -2.71 -6.49
CA VAL A 214 3.10 -3.65 -5.53
C VAL A 214 2.19 -2.95 -4.52
N VAL A 215 2.68 -1.85 -3.97
CA VAL A 215 1.92 -1.06 -3.03
C VAL A 215 0.64 -0.42 -3.63
N THR A 216 0.72 0.12 -4.84
CA THR A 216 -0.43 0.66 -5.51
C THR A 216 -1.52 -0.41 -5.66
N SER A 217 -1.16 -1.67 -5.99
CA SER A 217 -2.20 -2.69 -6.20
C SER A 217 -3.06 -2.86 -4.94
N LEU A 218 -2.42 -2.75 -3.78
CA LEU A 218 -3.09 -2.80 -2.47
C LEU A 218 -4.21 -1.76 -2.28
N LEU A 219 -4.19 -0.69 -3.07
CA LEU A 219 -5.22 0.35 -2.91
C LEU A 219 -6.53 -0.02 -3.62
N GLU A 220 -6.52 -1.02 -4.50
CA GLU A 220 -7.65 -1.30 -5.38
C GLU A 220 -8.74 -2.08 -4.67
N ASN B 7 -3.29 -21.87 17.79
CA ASN B 7 -4.70 -22.24 17.43
C ASN B 7 -5.07 -21.40 16.19
N PHE B 8 -4.96 -20.07 16.31
CA PHE B 8 -5.26 -19.23 15.18
C PHE B 8 -4.07 -18.58 14.44
N CYS B 9 -2.86 -18.68 14.99
CA CYS B 9 -1.72 -18.00 14.36
C CYS B 9 -1.41 -18.55 12.97
N LEU B 10 -1.59 -17.70 11.97
CA LEU B 10 -1.36 -18.09 10.60
C LEU B 10 0.03 -18.65 10.41
N TRP B 11 1.00 -18.15 11.15
CA TRP B 11 2.38 -18.53 10.89
C TRP B 11 2.84 -19.81 11.59
N ASN B 12 1.99 -20.54 12.31
CA ASN B 12 2.46 -21.80 12.89
C ASN B 12 1.31 -22.77 13.12
N LEU B 13 0.57 -22.99 12.05
CA LEU B 13 -0.60 -23.82 12.06
C LEU B 13 -0.10 -25.24 12.09
N GLN B 14 -0.55 -26.00 13.07
CA GLN B 14 -0.13 -27.37 13.20
C GLN B 14 -0.88 -28.21 12.14
N PRO B 15 -0.17 -29.11 11.45
CA PRO B 15 -0.87 -30.06 10.61
C PRO B 15 -1.83 -30.94 11.45
N ILE B 16 -3.03 -31.18 10.93
CA ILE B 16 -4.03 -31.93 11.70
C ILE B 16 -3.82 -33.45 11.53
N GLN B 17 -4.32 -34.24 12.48
CA GLN B 17 -4.51 -35.68 12.26
C GLN B 17 -5.63 -35.85 11.20
N GLY B 18 -5.41 -36.76 10.27
CA GLY B 18 -6.44 -37.07 9.29
C GLY B 18 -6.53 -36.03 8.19
N SER B 19 -5.40 -35.36 7.94
CA SER B 19 -5.22 -34.47 6.82
C SER B 19 -5.38 -35.23 5.54
N TRP B 20 -5.86 -34.52 4.53
CA TRP B 20 -6.04 -35.12 3.23
C TRP B 20 -4.73 -35.60 2.58
N MET B 21 -3.55 -35.15 3.06
CA MET B 21 -2.31 -35.63 2.43
C MET B 21 -1.50 -36.48 3.38
N GLY B 22 -0.87 -37.52 2.85
CA GLY B 22 0.05 -38.36 3.60
C GLY B 22 1.38 -37.70 3.58
N ALA B 23 2.38 -38.25 4.32
CA ALA B 23 3.59 -37.46 4.58
C ALA B 23 4.33 -37.15 3.29
N ALA B 24 4.44 -38.15 2.40
CA ALA B 24 5.16 -37.99 1.14
C ALA B 24 4.51 -37.02 0.14
N CYS B 25 3.20 -36.90 0.16
CA CYS B 25 2.46 -35.95 -0.68
C CYS B 25 2.94 -34.50 -0.59
N ILE B 26 3.40 -34.08 0.58
CA ILE B 26 3.91 -32.72 0.76
C ILE B 26 4.94 -32.43 -0.32
N TYR B 27 5.89 -33.35 -0.51
CA TYR B 27 6.99 -33.17 -1.46
C TYR B 27 6.58 -33.51 -2.89
N GLN B 28 5.40 -34.07 -3.09
CA GLN B 28 4.86 -34.18 -4.43
C GLN B 28 4.25 -32.82 -4.85
N MET B 29 4.04 -31.88 -3.91
CA MET B 29 3.46 -30.56 -4.27
C MET B 29 4.51 -29.74 -5.05
N PRO B 30 4.08 -28.97 -6.04
CA PRO B 30 5.11 -28.18 -6.75
C PRO B 30 5.81 -27.18 -5.80
N PRO B 31 7.10 -26.90 -6.01
CA PRO B 31 7.77 -25.98 -5.10
C PRO B 31 7.06 -24.65 -5.06
N SER B 32 6.46 -24.29 -6.17
CA SER B 32 5.66 -23.10 -6.26
C SER B 32 4.62 -23.00 -5.15
N VAL B 33 3.98 -24.11 -4.81
CA VAL B 33 3.04 -24.14 -3.73
C VAL B 33 3.75 -24.35 -2.38
N ARG B 34 4.68 -25.32 -2.35
CA ARG B 34 5.47 -25.73 -1.17
C ARG B 34 6.15 -24.58 -0.43
N ASN B 35 6.71 -23.68 -1.21
CA ASN B 35 7.48 -22.59 -0.70
C ASN B 35 6.66 -21.39 -0.17
N THR B 36 5.34 -21.33 -0.43
CA THR B 36 4.56 -20.17 -0.03
C THR B 36 4.30 -20.01 1.49
N TRP B 37 4.10 -18.77 1.93
CA TRP B 37 3.74 -18.53 3.33
C TRP B 37 2.48 -19.30 3.82
N TRP B 38 1.53 -19.53 2.92
CA TRP B 38 0.23 -20.10 3.27
C TRP B 38 0.17 -21.63 3.12
N PHE B 39 1.27 -22.25 2.69
CA PHE B 39 1.28 -23.67 2.45
C PHE B 39 0.81 -24.48 3.67
N PRO B 40 1.18 -24.08 4.90
CA PRO B 40 0.71 -24.89 6.05
C PRO B 40 -0.82 -24.99 6.21
N LEU B 41 -1.58 -24.04 5.62
CA LEU B 41 -3.05 -24.15 5.56
C LEU B 41 -3.51 -25.49 4.93
N LEU B 42 -2.85 -25.91 3.86
CA LEU B 42 -3.23 -27.13 3.16
C LEU B 42 -3.21 -28.40 4.02
N ASN B 43 -2.32 -28.46 5.00
CA ASN B 43 -2.12 -29.67 5.79
C ASN B 43 -3.00 -29.62 7.02
N THR B 44 -3.75 -28.53 7.20
CA THR B 44 -4.84 -28.50 8.19
C THR B 44 -6.23 -28.93 7.66
N ILE B 45 -6.34 -29.28 6.40
CA ILE B 45 -7.62 -29.64 5.80
C ILE B 45 -7.83 -31.15 5.90
N PRO B 46 -8.89 -31.60 6.60
CA PRO B 46 -9.08 -33.04 6.61
C PRO B 46 -9.63 -33.63 5.31
N LEU B 47 -9.42 -34.94 5.18
CA LEU B 47 -9.80 -35.67 3.97
C LEU B 47 -11.23 -35.28 3.47
N ASP B 48 -12.23 -35.26 4.36
CA ASP B 48 -13.61 -35.05 3.90
CA ASP B 48 -13.62 -35.06 3.94
C ASP B 48 -13.84 -33.63 3.42
N GLN B 49 -13.07 -32.68 3.92
CA GLN B 49 -13.22 -31.28 3.47
C GLN B 49 -12.59 -31.10 2.10
N TYR B 50 -11.45 -31.75 1.94
CA TYR B 50 -10.78 -31.86 0.66
C TYR B 50 -11.68 -32.41 -0.43
N THR B 51 -12.35 -33.52 -0.16
CA THR B 51 -13.23 -34.14 -1.16
C THR B 51 -14.37 -33.21 -1.57
N ARG B 52 -14.95 -32.55 -0.60
CA ARG B 52 -15.98 -31.55 -0.82
C ARG B 52 -15.51 -30.35 -1.66
N ILE B 53 -14.33 -29.81 -1.34
CA ILE B 53 -13.78 -28.67 -2.05
C ILE B 53 -13.44 -29.06 -3.48
N TYR B 54 -12.77 -30.19 -3.62
CA TYR B 54 -12.43 -30.77 -4.93
C TYR B 54 -13.72 -30.92 -5.76
N GLN B 55 -14.74 -31.57 -5.20
CA GLN B 55 -16.00 -31.76 -5.92
C GLN B 55 -16.58 -30.42 -6.45
N TRP B 56 -16.61 -29.42 -5.58
CA TRP B 56 -17.12 -28.10 -5.96
C TRP B 56 -16.37 -27.44 -7.13
N PHE B 57 -15.05 -27.46 -7.03
CA PHE B 57 -14.17 -26.81 -7.98
C PHE B 57 -14.34 -27.47 -9.36
N MET B 58 -14.42 -28.80 -9.38
CA MET B 58 -14.57 -29.50 -10.62
C MET B 58 -15.91 -29.11 -11.28
N GLY B 59 -16.95 -29.00 -10.46
CA GLY B 59 -18.25 -28.56 -10.90
C GLY B 59 -18.30 -27.17 -11.50
N VAL B 60 -17.62 -26.18 -10.93
CA VAL B 60 -17.61 -24.84 -11.52
C VAL B 60 -16.64 -24.70 -12.66
N ASP B 61 -15.59 -25.54 -12.69
CA ASP B 61 -14.53 -25.49 -13.73
C ASP B 61 -15.03 -26.10 -15.07
N ARG B 62 -15.94 -25.38 -15.71
CA ARG B 62 -16.64 -25.89 -16.87
C ARG B 62 -15.71 -26.07 -18.05
N ASP B 63 -14.67 -25.26 -18.15
CA ASP B 63 -13.80 -25.41 -19.32
C ASP B 63 -12.64 -26.34 -19.03
N ARG B 64 -12.61 -26.95 -17.84
CA ARG B 64 -11.56 -27.88 -17.42
C ARG B 64 -10.14 -27.28 -17.45
N SER B 65 -10.03 -26.01 -17.07
CA SER B 65 -8.73 -25.27 -17.11
C SER B 65 -7.85 -25.57 -15.92
N GLY B 66 -8.46 -26.03 -14.83
CA GLY B 66 -7.74 -26.25 -13.56
C GLY B 66 -7.57 -25.00 -12.73
N THR B 67 -8.31 -23.92 -13.06
CA THR B 67 -8.20 -22.63 -12.34
C THR B 67 -9.56 -22.00 -12.19
N LEU B 68 -9.69 -21.08 -11.23
CA LEU B 68 -10.89 -20.28 -11.06
C LEU B 68 -10.51 -18.84 -11.32
N GLU B 69 -11.43 -18.10 -11.92
CA GLU B 69 -11.28 -16.66 -11.85
C GLU B 69 -12.35 -16.06 -10.92
N ILE B 70 -12.29 -14.71 -10.76
CA ILE B 70 -13.05 -14.03 -9.71
C ILE B 70 -14.55 -14.28 -9.74
N ASN B 71 -15.15 -14.34 -10.93
CA ASN B 71 -16.59 -14.59 -11.05
C ASN B 71 -17.03 -15.98 -10.67
N GLU B 72 -16.17 -16.96 -10.84
CA GLU B 72 -16.41 -18.30 -10.30
C GLU B 72 -16.20 -18.33 -8.79
N LEU B 73 -15.11 -17.73 -8.31
CA LEU B 73 -14.85 -17.57 -6.86
C LEU B 73 -16.08 -16.98 -6.14
N MET B 74 -16.70 -15.97 -6.71
CA MET B 74 -17.82 -15.31 -6.05
C MET B 74 -19.06 -16.17 -5.96
N MET B 75 -19.09 -17.28 -6.70
CA MET B 75 -20.17 -18.23 -6.57
C MET B 75 -19.93 -19.17 -5.41
N GLY B 76 -18.83 -19.01 -4.70
CA GLY B 76 -18.44 -19.99 -3.72
C GLY B 76 -19.40 -19.96 -2.54
N GLN B 77 -19.54 -21.09 -1.86
CA GLN B 77 -20.33 -21.15 -0.65
C GLN B 77 -19.35 -21.34 0.48
N PHE B 78 -19.05 -20.23 1.13
CA PHE B 78 -17.90 -20.18 2.01
C PHE B 78 -18.34 -20.36 3.44
N PRO B 79 -17.39 -20.70 4.34
CA PRO B 79 -17.68 -20.90 5.74
C PRO B 79 -18.46 -19.72 6.32
N GLY B 80 -19.34 -20.04 7.26
CA GLY B 80 -20.29 -19.07 7.81
C GLY B 80 -21.23 -18.46 6.83
N GLY B 81 -21.42 -19.14 5.70
CA GLY B 81 -22.25 -18.59 4.65
C GLY B 81 -21.76 -17.29 4.06
N ILE B 82 -20.46 -16.99 4.26
CA ILE B 82 -19.86 -15.81 3.68
C ILE B 82 -20.10 -15.80 2.17
N ARG B 83 -20.63 -14.69 1.69
CA ARG B 83 -20.80 -14.39 0.28
C ARG B 83 -19.79 -13.22 -0.04
N LEU B 84 -18.92 -13.39 -1.05
CA LEU B 84 -17.85 -12.38 -1.27
C LEU B 84 -18.36 -11.16 -2.05
N SER B 85 -18.12 -9.94 -1.57
CA SER B 85 -18.23 -8.71 -2.37
C SER B 85 -17.18 -8.73 -3.50
N PRO B 86 -17.41 -7.99 -4.61
CA PRO B 86 -16.41 -7.88 -5.67
C PRO B 86 -15.07 -7.41 -5.11
N GLN B 87 -15.15 -6.47 -4.16
CA GLN B 87 -13.96 -5.79 -3.62
C GLN B 87 -13.14 -6.75 -2.78
N THR B 88 -13.82 -7.49 -1.92
CA THR B 88 -13.16 -8.48 -1.11
C THR B 88 -12.69 -9.68 -1.93
N ALA B 89 -13.45 -10.10 -2.96
CA ALA B 89 -13.09 -11.27 -3.79
C ALA B 89 -11.76 -10.94 -4.51
N LEU B 90 -11.63 -9.69 -4.93
CA LEU B 90 -10.38 -9.23 -5.64
C LEU B 90 -9.17 -9.31 -4.71
N ARG B 91 -9.35 -8.85 -3.47
CA ARG B 91 -8.29 -8.92 -2.49
C ARG B 91 -7.93 -10.36 -2.18
N MET B 92 -8.94 -11.21 -2.00
CA MET B 92 -8.73 -12.63 -1.83
C MET B 92 -7.95 -13.24 -2.99
N MET B 93 -8.35 -12.98 -4.23
CA MET B 93 -7.64 -13.58 -5.40
C MET B 93 -6.14 -13.19 -5.32
N ARG B 94 -5.91 -11.94 -4.96
CA ARG B 94 -4.55 -11.33 -4.92
C ARG B 94 -3.63 -11.78 -3.78
N ILE B 95 -4.16 -12.52 -2.81
CA ILE B 95 -3.32 -13.27 -1.89
C ILE B 95 -2.48 -14.29 -2.68
N PHE B 96 -3.09 -14.93 -3.66
CA PHE B 96 -2.48 -16.04 -4.43
C PHE B 96 -2.04 -15.63 -5.84
N ASP B 97 -2.77 -14.75 -6.50
CA ASP B 97 -2.52 -14.37 -7.89
C ASP B 97 -1.60 -13.19 -7.76
N THR B 98 -0.30 -13.43 -7.76
CA THR B 98 0.65 -12.33 -7.49
C THR B 98 1.18 -11.71 -8.81
N ASP B 99 0.82 -12.30 -9.93
CA ASP B 99 1.26 -11.75 -11.22
C ASP B 99 0.07 -11.39 -12.09
N PHE B 100 -1.04 -11.11 -11.45
CA PHE B 100 -2.28 -10.68 -12.14
C PHE B 100 -2.67 -11.54 -13.35
N ASN B 101 -2.51 -12.83 -13.21
CA ASN B 101 -3.11 -13.75 -14.19
C ASN B 101 -4.67 -13.59 -14.17
N GLY B 102 -5.21 -13.22 -13.01
CA GLY B 102 -6.67 -13.25 -12.77
C GLY B 102 -7.24 -14.65 -12.58
N HIS B 103 -6.36 -15.63 -12.42
CA HIS B 103 -6.77 -17.01 -12.17
C HIS B 103 -6.02 -17.48 -10.93
N ILE B 104 -6.68 -18.26 -10.08
CA ILE B 104 -6.02 -19.09 -9.06
C ILE B 104 -6.14 -20.59 -9.32
N SER B 105 -5.14 -21.36 -8.87
CA SER B 105 -5.13 -22.80 -9.01
C SER B 105 -6.00 -23.44 -7.95
N PHE B 106 -6.10 -24.77 -8.03
CA PHE B 106 -6.91 -25.53 -7.11
C PHE B 106 -6.33 -25.50 -5.69
N TYR B 107 -5.00 -25.70 -5.55
CA TYR B 107 -4.34 -25.66 -4.22
C TYR B 107 -4.45 -24.23 -3.60
N GLU B 108 -4.33 -23.21 -4.41
CA GLU B 108 -4.60 -21.83 -3.96
C GLU B 108 -6.02 -21.59 -3.51
N PHE B 109 -7.00 -22.11 -4.23
CA PHE B 109 -8.38 -22.02 -3.77
C PHE B 109 -8.54 -22.78 -2.44
N MET B 110 -7.92 -23.95 -2.32
CA MET B 110 -8.09 -24.75 -1.09
C MET B 110 -7.62 -23.92 0.10
N ALA B 111 -6.52 -23.25 -0.11
CA ALA B 111 -5.93 -22.49 0.95
C ALA B 111 -6.78 -21.25 1.31
N MET B 112 -7.33 -20.60 0.30
CA MET B 112 -8.21 -19.43 0.46
C MET B 112 -9.42 -19.85 1.30
N TYR B 113 -9.97 -21.01 0.97
CA TYR B 113 -11.19 -21.52 1.64
C TYR B 113 -10.91 -21.79 3.15
N LYS B 114 -9.81 -22.46 3.43
CA LYS B 114 -9.38 -22.71 4.79
C LYS B 114 -8.99 -21.43 5.54
N PHE B 115 -8.41 -20.45 4.83
CA PHE B 115 -8.15 -19.14 5.41
C PHE B 115 -9.49 -18.48 5.82
N MET B 116 -10.48 -18.51 4.94
CA MET B 116 -11.82 -18.01 5.34
C MET B 116 -12.43 -18.68 6.56
N GLU B 117 -12.36 -20.01 6.63
CA GLU B 117 -12.82 -20.73 7.79
C GLU B 117 -12.10 -20.28 9.07
N LEU B 118 -10.79 -20.16 9.03
CA LEU B 118 -10.02 -19.73 10.20
C LEU B 118 -10.44 -18.30 10.63
N ALA B 119 -10.56 -17.42 9.66
CA ALA B 119 -10.95 -16.06 9.97
C ALA B 119 -12.40 -15.99 10.54
N TYR B 120 -13.30 -16.76 9.95
CA TYR B 120 -14.69 -16.91 10.48
C TYR B 120 -14.64 -17.35 11.91
N ASN B 121 -13.96 -18.47 12.16
CA ASN B 121 -13.95 -19.03 13.47
C ASN B 121 -13.44 -18.02 14.48
N LEU B 122 -12.40 -17.29 14.10
CA LEU B 122 -11.84 -16.29 14.92
C LEU B 122 -12.80 -15.13 15.29
N PHE B 123 -13.58 -14.68 14.33
CA PHE B 123 -14.60 -13.69 14.60
C PHE B 123 -15.59 -14.19 15.65
N VAL B 124 -16.06 -15.42 15.46
CA VAL B 124 -17.07 -16.04 16.34
C VAL B 124 -16.49 -16.15 17.74
N MET B 125 -15.22 -16.58 17.82
CA MET B 125 -14.56 -16.73 19.09
C MET B 125 -14.46 -15.42 19.83
N ASN B 126 -14.24 -14.34 19.09
CA ASN B 126 -14.09 -13.00 19.69
C ASN B 126 -15.39 -12.24 20.00
N ASP B 127 -16.51 -12.69 19.45
CA ASP B 127 -17.83 -12.12 19.76
C ASP B 127 -18.34 -12.60 21.11
N ARG B 128 -17.59 -12.26 22.16
CA ARG B 128 -17.82 -12.84 23.49
C ARG B 128 -19.12 -12.35 24.09
N ASN B 129 -19.53 -11.14 23.75
CA ASN B 129 -20.78 -10.61 24.22
C ASN B 129 -21.97 -11.00 23.32
N ARG B 130 -21.74 -11.76 22.25
CA ARG B 130 -22.83 -12.26 21.38
C ARG B 130 -23.69 -11.11 20.82
N SER B 131 -23.03 -10.00 20.47
CA SER B 131 -23.64 -8.85 19.80
C SER B 131 -23.65 -9.01 18.29
N GLY B 132 -22.89 -9.98 17.81
CA GLY B 132 -22.88 -10.29 16.42
C GLY B 132 -21.94 -9.42 15.61
N THR B 133 -21.24 -8.47 16.24
CA THR B 133 -20.21 -7.67 15.58
C THR B 133 -19.06 -7.51 16.56
N LEU B 134 -17.94 -7.00 16.05
CA LEU B 134 -16.81 -6.49 16.83
C LEU B 134 -16.82 -4.96 16.82
N GLU B 135 -16.63 -4.31 17.98
CA GLU B 135 -16.48 -2.87 18.03
C GLU B 135 -15.06 -2.55 17.55
N PRO B 136 -14.81 -1.30 17.15
CA PRO B 136 -13.53 -1.13 16.42
C PRO B 136 -12.30 -1.43 17.28
N HIS B 137 -12.41 -1.17 18.58
CA HIS B 137 -11.34 -1.43 19.57
C HIS B 137 -11.08 -2.91 19.87
N GLU B 138 -11.92 -3.79 19.31
CA GLU B 138 -11.77 -5.21 19.48
C GLU B 138 -11.02 -5.80 18.31
N ILE B 139 -10.82 -5.00 17.26
CA ILE B 139 -10.14 -5.48 16.08
C ILE B 139 -8.68 -5.83 16.31
N LEU B 140 -7.99 -5.05 17.12
CA LEU B 140 -6.55 -5.25 17.26
C LEU B 140 -6.20 -6.59 17.89
N PRO B 141 -6.87 -6.97 19.03
CA PRO B 141 -6.46 -8.23 19.66
C PRO B 141 -6.88 -9.40 18.86
N ALA B 142 -7.94 -9.25 18.07
CA ALA B 142 -8.36 -10.35 17.24
C ALA B 142 -7.34 -10.59 16.13
N LEU B 143 -6.86 -9.51 15.50
CA LEU B 143 -5.85 -9.67 14.46
C LEU B 143 -4.60 -10.26 15.08
N GLN B 144 -4.28 -9.86 16.31
CA GLN B 144 -3.10 -10.38 16.96
C GLN B 144 -3.15 -11.90 17.06
N GLN B 145 -4.29 -12.46 17.41
CA GLN B 145 -4.44 -13.92 17.45
C GLN B 145 -4.16 -14.62 16.10
N LEU B 146 -4.47 -13.93 15.00
CA LEU B 146 -4.21 -14.44 13.66
C LEU B 146 -2.73 -14.35 13.30
N GLY B 147 -2.03 -13.48 14.00
CA GLY B 147 -0.61 -13.26 13.75
C GLY B 147 -0.30 -11.95 13.10
N PHE B 148 -1.28 -11.08 12.99
CA PHE B 148 -1.04 -9.73 12.49
C PHE B 148 -0.96 -8.75 13.66
N TYR B 149 0.26 -8.28 13.86
CA TYR B 149 0.59 -7.39 14.95
C TYR B 149 0.55 -5.94 14.44
N ILE B 150 -0.54 -5.25 14.73
CA ILE B 150 -0.63 -3.86 14.33
C ILE B 150 -0.71 -2.95 15.51
N ASN B 151 -0.55 -1.64 15.30
CA ASN B 151 -0.74 -0.68 16.39
C ASN B 151 -2.17 -0.15 16.41
N GLN B 152 -2.56 0.60 17.45
CA GLN B 152 -4.01 1.00 17.60
C GLN B 152 -4.51 1.87 16.42
N ARG B 153 -3.68 2.80 15.95
CA ARG B 153 -3.99 3.62 14.75
C ARG B 153 -4.31 2.80 13.50
N THR B 154 -3.48 1.82 13.18
CA THR B 154 -3.78 0.95 12.02
C THR B 154 -5.11 0.19 12.20
N SER B 155 -5.42 -0.20 13.45
CA SER B 155 -6.63 -0.97 13.76
C SER B 155 -7.86 -0.15 13.37
N LEU B 156 -7.87 1.09 13.81
CA LEU B 156 -9.04 1.90 13.67
C LEU B 156 -9.19 2.36 12.22
N LEU B 157 -8.09 2.56 11.53
CA LEU B 157 -8.13 2.85 10.10
C LEU B 157 -8.67 1.66 9.27
N LEU B 158 -8.39 0.44 9.71
CA LEU B 158 -8.88 -0.72 9.00
C LEU B 158 -10.42 -0.79 9.06
N HIS B 159 -10.95 -0.46 10.22
CA HIS B 159 -12.39 -0.43 10.33
C HIS B 159 -12.94 0.63 9.36
N ARG B 160 -12.36 1.82 9.45
CA ARG B 160 -12.76 2.94 8.59
C ARG B 160 -12.76 2.52 7.13
N LEU B 161 -11.69 1.88 6.71
CA LEU B 161 -11.50 1.61 5.33
C LEU B 161 -12.47 0.58 4.80
N PHE B 162 -12.83 -0.39 5.63
CA PHE B 162 -13.55 -1.54 5.13
C PHE B 162 -15.00 -1.73 5.63
N ALA B 163 -15.44 -0.90 6.56
CA ALA B 163 -16.77 -1.08 7.15
C ALA B 163 -17.94 -0.48 6.35
N ARG B 164 -17.64 0.13 5.20
CA ARG B 164 -18.68 0.72 4.36
C ARG B 164 -19.58 1.62 5.18
N GLY B 165 -19.00 2.40 6.08
CA GLY B 165 -19.78 3.43 6.84
C GLY B 165 -20.47 2.97 8.13
N MET B 166 -20.38 1.68 8.44
CA MET B 166 -21.07 1.18 9.60
C MET B 166 -20.22 1.41 10.83
N ALA B 167 -20.91 1.52 11.94
CA ALA B 167 -20.32 1.86 13.22
C ALA B 167 -19.39 0.78 13.73
N PHE B 168 -19.75 -0.48 13.47
CA PHE B 168 -19.01 -1.61 14.05
C PHE B 168 -18.42 -2.48 12.93
N CYS B 169 -17.89 -3.64 13.30
CA CYS B 169 -17.22 -4.52 12.35
C CYS B 169 -18.01 -5.83 12.27
N ASP B 170 -18.83 -5.96 11.24
CA ASP B 170 -19.60 -7.20 11.06
C ASP B 170 -18.70 -8.25 10.36
N LEU B 171 -19.26 -9.42 10.07
CA LEU B 171 -18.45 -10.49 9.51
C LEU B 171 -17.87 -10.09 8.15
N ASN B 172 -18.70 -9.48 7.30
CA ASN B 172 -18.20 -8.91 6.04
C ASN B 172 -17.00 -7.98 6.18
N CYS B 173 -17.07 -7.06 7.14
CA CYS B 173 -15.94 -6.10 7.37
C CYS B 173 -14.67 -6.81 7.90
N TRP B 174 -14.86 -7.76 8.78
CA TRP B 174 -13.79 -8.61 9.29
C TRP B 174 -13.09 -9.41 8.18
N ILE B 175 -13.87 -10.01 7.28
CA ILE B 175 -13.31 -10.82 6.20
C ILE B 175 -12.51 -9.92 5.19
N ALA B 176 -12.99 -8.72 4.94
CA ALA B 176 -12.28 -7.72 4.11
C ALA B 176 -11.00 -7.31 4.77
N ILE B 177 -11.01 -7.09 6.07
CA ILE B 177 -9.78 -6.73 6.81
C ILE B 177 -8.76 -7.85 6.75
N CYS B 178 -9.22 -9.08 6.97
CA CYS B 178 -8.33 -10.26 6.93
C CYS B 178 -7.78 -10.54 5.52
N ALA B 179 -8.62 -10.37 4.48
CA ALA B 179 -8.19 -10.42 3.07
C ALA B 179 -7.12 -9.41 2.85
N PHE B 180 -7.36 -8.16 3.27
CA PHE B 180 -6.32 -7.12 3.05
C PHE B 180 -5.02 -7.46 3.78
N ALA B 181 -5.13 -7.97 5.00
CA ALA B 181 -3.96 -8.30 5.81
C ALA B 181 -3.13 -9.44 5.19
N ALA B 182 -3.79 -10.46 4.67
CA ALA B 182 -3.14 -11.56 3.98
C ALA B 182 -2.58 -11.10 2.60
N GLN B 183 -3.29 -10.21 1.92
CA GLN B 183 -2.88 -9.70 0.63
C GLN B 183 -1.57 -8.95 0.81
N THR B 184 -1.51 -8.22 1.92
CA THR B 184 -0.36 -7.43 2.28
C THR B 184 0.82 -8.36 2.65
N ARG B 185 0.53 -9.49 3.33
CA ARG B 185 1.57 -10.50 3.59
C ARG B 185 2.17 -11.01 2.26
N SER B 186 1.31 -11.26 1.27
CA SER B 186 1.85 -11.71 -0.05
C SER B 186 2.63 -10.62 -0.75
N ALA B 187 2.16 -9.37 -0.71
CA ALA B 187 2.94 -8.22 -1.19
C ALA B 187 4.34 -8.15 -0.57
N TYR B 188 4.46 -8.40 0.75
CA TYR B 188 5.74 -8.32 1.41
C TYR B 188 6.68 -9.36 0.84
N GLN B 189 6.13 -10.55 0.62
CA GLN B 189 6.94 -11.58 0.01
C GLN B 189 7.42 -11.20 -1.32
N MET B 190 6.53 -10.62 -2.14
CA MET B 190 6.88 -10.26 -3.51
CA MET B 190 6.84 -10.20 -3.52
C MET B 190 7.96 -9.20 -3.58
N ILE B 191 7.89 -8.24 -2.67
CA ILE B 191 8.90 -7.19 -2.55
C ILE B 191 10.25 -7.78 -2.19
N PHE B 192 10.27 -8.50 -1.09
CA PHE B 192 11.52 -9.01 -0.52
C PHE B 192 12.06 -10.28 -1.22
N MET B 193 11.27 -10.93 -2.08
CA MET B 193 11.76 -11.99 -3.03
C MET B 193 12.85 -11.45 -3.96
N ASN B 194 12.84 -10.14 -4.17
CA ASN B 194 13.70 -9.51 -5.15
C ASN B 194 15.15 -9.62 -4.65
N PRO B 195 16.05 -10.22 -5.47
CA PRO B 195 17.38 -10.51 -4.94
C PRO B 195 18.22 -9.26 -4.85
N TYR B 196 17.72 -8.14 -5.38
CA TYR B 196 18.35 -6.87 -5.11
C TYR B 196 18.45 -6.56 -3.63
N TYR B 197 17.53 -7.01 -2.79
CA TYR B 197 17.61 -6.77 -1.37
C TYR B 197 18.62 -7.68 -0.67
N GLY B 198 19.26 -8.61 -1.39
CA GLY B 198 20.25 -9.50 -0.76
C GLY B 198 19.55 -10.69 -0.16
N PRO B 199 20.28 -11.57 0.53
CA PRO B 199 19.73 -12.73 1.20
C PRO B 199 18.50 -12.41 2.03
N MET B 200 17.48 -13.24 1.87
CA MET B 200 16.17 -13.03 2.45
C MET B 200 16.14 -13.26 3.96
N LYS B 201 15.62 -12.33 4.76
CA LYS B 201 15.51 -12.56 6.21
CA LYS B 201 15.56 -12.61 6.19
C LYS B 201 14.33 -13.50 6.50
N PRO B 202 14.42 -14.31 7.57
CA PRO B 202 13.27 -15.21 7.85
C PRO B 202 12.03 -14.38 8.26
N PHE B 203 10.83 -14.93 8.06
CA PHE B 203 9.61 -14.19 8.45
C PHE B 203 9.57 -13.91 9.92
N ASN B 204 9.40 -12.65 10.26
CA ASN B 204 9.28 -12.23 11.66
C ASN B 204 8.01 -11.37 11.84
N PRO B 205 7.04 -11.90 12.61
CA PRO B 205 5.72 -11.25 12.70
C PRO B 205 5.74 -9.87 13.25
N MET B 206 6.62 -9.64 14.21
CA MET B 206 6.74 -8.35 14.85
CA MET B 206 6.74 -8.31 14.83
C MET B 206 7.20 -7.32 13.78
N GLU B 207 8.18 -7.71 12.98
CA GLU B 207 8.76 -6.81 11.98
C GLU B 207 7.79 -6.60 10.81
N PHE B 208 7.11 -7.67 10.45
CA PHE B 208 6.07 -7.58 9.40
C PHE B 208 4.99 -6.60 9.82
N GLY B 209 4.60 -6.63 11.10
CA GLY B 209 3.57 -5.72 11.61
C GLY B 209 3.84 -4.25 11.34
N LYS B 210 5.11 -3.84 11.51
CA LYS B 210 5.54 -2.45 11.18
C LYS B 210 5.29 -2.13 9.72
N PHE B 211 5.50 -3.11 8.84
CA PHE B 211 5.24 -2.96 7.38
C PHE B 211 3.77 -2.77 7.11
N LEU B 212 2.97 -3.60 7.78
CA LEU B 212 1.53 -3.50 7.69
C LEU B 212 0.99 -2.14 8.19
N ASP B 213 1.57 -1.62 9.28
CA ASP B 213 1.24 -0.28 9.78
C ASP B 213 1.52 0.79 8.70
N VAL B 214 2.71 0.75 8.12
CA VAL B 214 3.11 1.79 7.18
C VAL B 214 2.27 1.71 5.90
N VAL B 215 2.08 0.49 5.41
CA VAL B 215 1.29 0.28 4.21
C VAL B 215 -0.17 0.62 4.40
N THR B 216 -0.76 0.24 5.54
CA THR B 216 -2.16 0.58 5.77
C THR B 216 -2.39 2.12 5.71
N SER B 217 -1.46 2.88 6.30
CA SER B 217 -1.53 4.34 6.24
C SER B 217 -1.64 4.90 4.83
N LEU B 218 -1.01 4.23 3.88
CA LEU B 218 -1.03 4.66 2.50
C LEU B 218 -2.40 4.53 1.86
N LEU B 219 -3.27 3.67 2.39
CA LEU B 219 -4.62 3.56 1.86
C LEU B 219 -5.53 4.66 2.34
N GLU B 220 -5.05 5.52 3.26
CA GLU B 220 -5.87 6.60 3.76
C GLU B 220 -5.87 7.80 2.83
NA NA C . -3.58 16.86 -23.54
MG MG D . 1.82 27.76 13.28
NA NA E . -19.33 -8.43 19.93
S SO4 F . -16.81 -28.09 5.11
O1 SO4 F . -16.15 -26.99 5.82
O2 SO4 F . -16.19 -29.38 5.53
O3 SO4 F . -18.26 -28.03 5.47
O4 SO4 F . -16.68 -27.90 3.66
C1 GOL G . -1.40 -17.21 -11.29
O1 GOL G . -0.65 -16.07 -10.88
C2 GOL G . -1.48 -18.24 -10.17
O2 GOL G . -2.56 -17.88 -9.24
C3 GOL G . -0.11 -18.46 -9.53
O3 GOL G . 0.11 -17.85 -8.25
#